data_1MKY
#
_entry.id   1MKY
#
_cell.length_a   62.137
_cell.length_b   77.994
_cell.length_c   96.597
_cell.angle_alpha   90.00
_cell.angle_beta   90.00
_cell.angle_gamma   90.00
#
_symmetry.space_group_name_H-M   'P 21 21 21'
#
loop_
_entity.id
_entity.type
_entity.pdbx_description
1 polymer 'Probable GTP-binding protein engA'
2 non-polymer 'PHOSPHATE ION'
3 non-polymer "GUANOSINE-5'-DIPHOSPHATE"
4 water water
#
_entity_poly.entity_id   1
_entity_poly.type   'polypeptide(L)'
_entity_poly.pdbx_seq_one_letter_code
;(MSE)ATVLIVGRPNVGKSTLFNKLVKKKKAIVEDEEGVTRDPVQDTVEWYGKTFKLVDTCGVFDNPQDIISQK(MSE)K
EVTLN(MSE)IREADLVLFVVDGKRGITKEDESLADFLRKSTVDTILVANKAENLREFEREVKPELYSLGFGEPIPVSAE
HNINLDT(MSE)LETIIKKLEEKGLDLESKPEITDAIKVAIVGRPNVGKSTLFNAILNKERALVSPIPGTTRDPVDDEVF
IDGRKYVFVDTAGLRRKSRVEPRTVEKYSNYRVVDSIEKADVVVIVLDATQGITRQDQR(MSE)AGL(MSE)ERRGRASV
VVFNKWDLVVHREKRYDEFTKLFREKLYFIDYSPLIFTSADKGWNIDR(MSE)IDA(MSE)NLAYASYTTKVPSSAINSA
LQKVLAFTNLPRGLKIFFGVQVDIKPPTFLFFVNSIEKVKNPQKIFLRKLIRDYVFPFEGSPIFLKFKRSR
;
_entity_poly.pdbx_strand_id   A
#
# COMPACT_ATOMS: atom_id res chain seq x y z
N ALA A 2 -10.09 -5.59 -8.79
CA ALA A 2 -9.79 -7.03 -9.06
C ALA A 2 -8.34 -7.31 -8.68
N THR A 3 -8.07 -8.53 -8.22
CA THR A 3 -6.73 -8.93 -7.81
C THR A 3 -6.31 -10.21 -8.52
N VAL A 4 -5.11 -10.18 -9.10
CA VAL A 4 -4.55 -11.33 -9.82
C VAL A 4 -3.28 -11.77 -9.10
N LEU A 5 -3.17 -13.06 -8.80
CA LEU A 5 -1.99 -13.58 -8.12
C LEU A 5 -1.15 -14.43 -9.06
N ILE A 6 0.17 -14.19 -9.04
CA ILE A 6 1.08 -14.97 -9.84
C ILE A 6 1.64 -16.04 -8.89
N VAL A 7 1.46 -17.30 -9.27
CA VAL A 7 1.90 -18.42 -8.45
C VAL A 7 2.82 -19.30 -9.29
N GLY A 8 3.82 -19.89 -8.66
CA GLY A 8 4.74 -20.75 -9.39
C GLY A 8 5.99 -21.03 -8.60
N ARG A 9 6.67 -22.12 -8.91
CA ARG A 9 7.88 -22.48 -8.19
C ARG A 9 9.01 -21.52 -8.53
N PRO A 10 10.09 -21.54 -7.76
CA PRO A 10 11.23 -20.65 -8.01
C PRO A 10 11.83 -20.79 -9.41
N ASN A 11 12.35 -19.68 -9.92
CA ASN A 11 13.04 -19.65 -11.22
C ASN A 11 12.25 -19.94 -12.49
N VAL A 12 10.96 -19.60 -12.51
CA VAL A 12 10.16 -19.82 -13.71
C VAL A 12 9.94 -18.48 -14.41
N GLY A 13 10.42 -17.41 -13.78
CA GLY A 13 10.29 -16.08 -14.35
C GLY A 13 9.14 -15.23 -13.85
N LYS A 14 8.61 -15.55 -12.67
CA LYS A 14 7.50 -14.78 -12.12
C LYS A 14 7.85 -13.30 -11.97
N SER A 15 9.07 -13.02 -11.51
CA SER A 15 9.50 -11.64 -11.33
C SER A 15 9.58 -10.90 -12.66
N THR A 16 10.17 -11.55 -13.67
CA THR A 16 10.29 -10.94 -14.98
C THR A 16 8.90 -10.66 -15.54
N LEU A 17 8.00 -11.63 -15.41
CA LEU A 17 6.64 -11.46 -15.91
C LEU A 17 5.94 -10.32 -15.19
N PHE A 18 6.10 -10.28 -13.87
CA PHE A 18 5.48 -9.25 -13.04
C PHE A 18 5.95 -7.87 -13.49
N ASN A 19 7.27 -7.68 -13.53
CA ASN A 19 7.85 -6.40 -13.93
C ASN A 19 7.41 -5.98 -15.33
N LYS A 20 7.23 -6.93 -16.23
CA LYS A 20 6.82 -6.61 -17.58
C LYS A 20 5.37 -6.13 -17.62
N LEU A 21 4.51 -6.77 -16.84
CA LEU A 21 3.10 -6.40 -16.80
C LEU A 21 2.80 -5.08 -16.12
N VAL A 22 3.52 -4.79 -15.03
CA VAL A 22 3.29 -3.55 -14.30
C VAL A 22 4.15 -2.40 -14.85
N LYS A 23 5.14 -2.76 -15.65
CA LYS A 23 6.05 -1.78 -16.24
C LYS A 23 6.90 -1.12 -15.17
N ASP A 38 12.65 -5.28 -5.67
CA ASP A 38 11.44 -4.76 -6.30
C ASP A 38 10.18 -5.23 -5.56
N PRO A 39 9.11 -4.42 -5.60
CA PRO A 39 7.83 -4.71 -4.95
C PRO A 39 7.22 -6.03 -5.39
N VAL A 40 6.29 -6.54 -4.59
CA VAL A 40 5.62 -7.78 -4.91
C VAL A 40 4.17 -7.51 -5.32
N GLN A 41 3.74 -6.26 -5.18
CA GLN A 41 2.38 -5.86 -5.55
C GLN A 41 2.41 -4.52 -6.28
N ASP A 42 1.64 -4.45 -7.36
CA ASP A 42 1.56 -3.22 -8.15
C ASP A 42 0.33 -3.34 -9.04
N THR A 43 0.08 -2.30 -9.83
CA THR A 43 -1.08 -2.33 -10.69
C THR A 43 -0.74 -2.51 -12.16
N VAL A 44 -1.65 -3.15 -12.88
CA VAL A 44 -1.50 -3.36 -14.31
C VAL A 44 -2.57 -2.51 -14.97
N GLU A 45 -2.21 -1.74 -15.99
CA GLU A 45 -3.18 -0.92 -16.70
C GLU A 45 -3.35 -1.50 -18.10
N TRP A 46 -4.58 -1.52 -18.58
CA TRP A 46 -4.88 -2.07 -19.90
C TRP A 46 -6.00 -1.25 -20.54
N TYR A 47 -5.61 -0.35 -21.44
CA TYR A 47 -6.60 0.49 -22.12
C TYR A 47 -7.56 1.17 -21.17
N GLY A 48 -7.01 1.71 -20.09
CA GLY A 48 -7.85 2.40 -19.12
C GLY A 48 -8.44 1.53 -18.03
N LYS A 49 -8.32 0.21 -18.19
CA LYS A 49 -8.82 -0.72 -17.18
C LYS A 49 -7.62 -1.10 -16.33
N THR A 50 -7.84 -1.42 -15.06
CA THR A 50 -6.71 -1.80 -14.21
C THR A 50 -7.08 -2.92 -13.23
N PHE A 51 -6.05 -3.57 -12.71
CA PHE A 51 -6.22 -4.60 -11.69
C PHE A 51 -4.92 -4.70 -10.88
N LYS A 52 -5.04 -5.19 -9.67
CA LYS A 52 -3.89 -5.35 -8.80
C LYS A 52 -3.20 -6.67 -9.11
N LEU A 53 -1.87 -6.65 -9.17
CA LEU A 53 -1.11 -7.86 -9.45
C LEU A 53 -0.18 -8.15 -8.27
N VAL A 54 -0.11 -9.42 -7.89
CA VAL A 54 0.74 -9.84 -6.79
C VAL A 54 1.64 -11.01 -7.17
N ASP A 55 2.96 -10.84 -7.02
CA ASP A 55 3.89 -11.93 -7.27
C ASP A 55 3.96 -12.60 -5.90
N THR A 56 3.36 -13.78 -5.77
CA THR A 56 3.33 -14.43 -4.47
C THR A 56 4.64 -15.12 -4.09
N CYS A 57 5.64 -15.01 -4.95
CA CYS A 57 6.94 -15.61 -4.69
C CYS A 57 6.84 -17.07 -4.20
N GLY A 58 7.26 -17.34 -2.97
CA GLY A 58 7.20 -18.72 -2.49
C GLY A 58 6.21 -18.99 -1.37
N VAL A 59 5.24 -18.10 -1.19
CA VAL A 59 4.24 -18.25 -0.15
C VAL A 59 3.46 -19.57 -0.18
N PHE A 60 3.20 -20.08 -1.37
CA PHE A 60 2.44 -21.31 -1.50
C PHE A 60 3.25 -22.56 -1.80
N ASP A 61 4.57 -22.47 -1.71
CA ASP A 61 5.44 -23.60 -2.01
C ASP A 61 5.27 -24.73 -0.98
N ASN A 62 5.41 -25.96 -1.46
CA ASN A 62 5.30 -27.14 -0.61
C ASN A 62 4.04 -27.11 0.25
N PRO A 63 2.87 -26.97 -0.37
CA PRO A 63 1.63 -26.92 0.39
C PRO A 63 1.30 -28.24 1.10
N GLN A 64 1.84 -29.34 0.58
CA GLN A 64 1.58 -30.65 1.17
C GLN A 64 2.28 -30.80 2.52
N ASP A 65 3.23 -29.91 2.82
CA ASP A 65 3.96 -29.96 4.08
C ASP A 65 3.26 -29.22 5.22
N ILE A 66 2.10 -28.61 4.96
CA ILE A 66 1.38 -27.90 6.00
C ILE A 66 0.59 -28.94 6.78
N ILE A 67 0.92 -29.08 8.06
CA ILE A 67 0.28 -30.05 8.93
C ILE A 67 -1.01 -29.54 9.57
N SER A 68 -0.93 -28.34 10.13
CA SER A 68 -2.05 -27.71 10.80
C SER A 68 -3.27 -27.42 9.91
N GLN A 69 -4.44 -27.85 10.35
CA GLN A 69 -5.65 -27.62 9.58
C GLN A 69 -5.91 -26.11 9.55
N LYS A 70 -5.69 -25.44 10.67
CA LYS A 70 -5.88 -24.00 10.72
C LYS A 70 -4.97 -23.34 9.67
N LYS A 72 -3.71 -24.62 7.00
CA LYS A 72 -4.14 -24.92 5.63
C LYS A 72 -5.30 -24.01 5.25
N GLU A 73 -6.23 -23.83 6.19
CA GLU A 73 -7.40 -22.99 5.94
C GLU A 73 -6.97 -21.53 5.74
N VAL A 74 -5.99 -21.08 6.52
CA VAL A 74 -5.49 -19.71 6.37
C VAL A 74 -4.83 -19.56 5.00
N THR A 75 -4.06 -20.56 4.61
CA THR A 75 -3.36 -20.53 3.33
C THR A 75 -4.36 -20.55 2.17
N LEU A 76 -5.42 -21.34 2.32
CA LEU A 76 -6.44 -21.41 1.28
C LEU A 76 -7.14 -20.06 1.15
N ASN A 77 -7.45 -19.42 2.28
CA ASN A 77 -8.10 -18.12 2.25
C ASN A 77 -7.22 -17.08 1.57
N ILE A 79 -5.18 -17.60 -0.99
CA ILE A 79 -5.29 -17.78 -2.42
C ILE A 79 -6.69 -17.36 -2.89
N ARG A 80 -7.68 -17.58 -2.03
CA ARG A 80 -9.05 -17.22 -2.39
C ARG A 80 -9.30 -15.71 -2.41
N GLU A 81 -8.28 -14.93 -2.03
CA GLU A 81 -8.42 -13.49 -2.06
C GLU A 81 -8.30 -13.07 -3.52
N ALA A 82 -7.70 -13.92 -4.31
CA ALA A 82 -7.51 -13.64 -5.73
C ALA A 82 -8.77 -13.90 -6.55
N ASP A 83 -8.99 -13.05 -7.54
CA ASP A 83 -10.11 -13.22 -8.44
C ASP A 83 -9.60 -14.12 -9.56
N LEU A 84 -8.29 -14.17 -9.72
CA LEU A 84 -7.67 -14.98 -10.76
C LEU A 84 -6.21 -15.28 -10.45
N VAL A 85 -5.79 -16.50 -10.73
CA VAL A 85 -4.41 -16.90 -10.50
C VAL A 85 -3.70 -17.18 -11.82
N LEU A 86 -2.48 -16.68 -11.94
CA LEU A 86 -1.67 -16.95 -13.12
C LEU A 86 -0.68 -17.99 -12.58
N PHE A 87 -0.88 -19.24 -13.00
CA PHE A 87 -0.02 -20.35 -12.58
C PHE A 87 1.11 -20.45 -13.61
N VAL A 88 2.30 -19.99 -13.23
CA VAL A 88 3.44 -19.99 -14.14
C VAL A 88 4.35 -21.20 -14.01
N VAL A 89 4.64 -21.83 -15.14
CA VAL A 89 5.53 -22.97 -15.19
C VAL A 89 6.61 -22.70 -16.24
N ASP A 90 7.69 -23.48 -16.19
CA ASP A 90 8.81 -23.31 -17.11
C ASP A 90 8.57 -24.05 -18.42
N GLY A 91 8.36 -23.31 -19.50
CA GLY A 91 8.11 -23.91 -20.81
C GLY A 91 9.30 -24.65 -21.45
N LYS A 92 10.51 -24.44 -20.94
CA LYS A 92 11.69 -25.10 -21.48
C LYS A 92 12.00 -26.37 -20.69
N ARG A 93 12.05 -26.22 -19.37
CA ARG A 93 12.34 -27.35 -18.48
C ARG A 93 11.20 -28.36 -18.48
N GLY A 94 9.98 -27.87 -18.28
CA GLY A 94 8.84 -28.76 -18.25
C GLY A 94 8.34 -28.96 -16.84
N ILE A 95 7.44 -29.92 -16.68
CA ILE A 95 6.83 -30.22 -15.40
C ILE A 95 7.77 -30.85 -14.37
N THR A 96 7.67 -30.38 -13.13
CA THR A 96 8.46 -30.91 -12.02
C THR A 96 7.50 -31.27 -10.89
N LYS A 97 8.02 -31.96 -9.88
CA LYS A 97 7.21 -32.36 -8.75
C LYS A 97 6.67 -31.15 -8.01
N GLU A 98 7.43 -30.07 -7.98
CA GLU A 98 6.97 -28.86 -7.30
C GLU A 98 5.79 -28.26 -8.06
N ASP A 99 5.81 -28.32 -9.39
CA ASP A 99 4.70 -27.79 -10.18
C ASP A 99 3.46 -28.62 -9.85
N GLU A 100 3.65 -29.92 -9.68
CA GLU A 100 2.54 -30.81 -9.39
C GLU A 100 1.89 -30.56 -8.03
N SER A 101 2.70 -30.27 -7.01
CA SER A 101 2.14 -30.01 -5.69
C SER A 101 1.39 -28.68 -5.71
N LEU A 102 1.94 -27.69 -6.42
CA LEU A 102 1.26 -26.39 -6.52
C LEU A 102 -0.06 -26.57 -7.26
N ALA A 103 -0.04 -27.37 -8.33
CA ALA A 103 -1.24 -27.61 -9.11
C ALA A 103 -2.33 -28.24 -8.23
N ASP A 104 -1.95 -29.22 -7.42
CA ASP A 104 -2.91 -29.88 -6.54
C ASP A 104 -3.55 -28.85 -5.59
N PHE A 105 -2.72 -27.98 -5.02
CA PHE A 105 -3.20 -26.96 -4.08
C PHE A 105 -4.16 -26.01 -4.79
N LEU A 106 -3.76 -25.56 -5.99
CA LEU A 106 -4.61 -24.65 -6.75
C LEU A 106 -5.95 -25.29 -7.11
N ARG A 107 -5.93 -26.53 -7.55
CA ARG A 107 -7.20 -27.18 -7.88
C ARG A 107 -8.08 -27.23 -6.64
N LYS A 108 -7.49 -27.62 -5.51
CA LYS A 108 -8.20 -27.70 -4.24
C LYS A 108 -8.85 -26.38 -3.85
N SER A 109 -8.15 -25.28 -4.12
CA SER A 109 -8.65 -23.95 -3.79
C SER A 109 -9.89 -23.55 -4.58
N THR A 110 -10.02 -24.14 -5.77
CA THR A 110 -11.09 -23.89 -6.73
C THR A 110 -11.01 -22.49 -7.34
N VAL A 111 -9.98 -21.72 -7.02
CA VAL A 111 -9.87 -20.38 -7.59
C VAL A 111 -9.58 -20.46 -9.09
N ASP A 112 -10.23 -19.61 -9.88
CA ASP A 112 -10.02 -19.62 -11.32
C ASP A 112 -8.54 -19.43 -11.62
N THR A 113 -8.00 -20.28 -12.49
CA THR A 113 -6.57 -20.26 -12.80
C THR A 113 -6.27 -20.34 -14.29
N ILE A 114 -5.23 -19.62 -14.70
CA ILE A 114 -4.78 -19.63 -16.09
C ILE A 114 -3.37 -20.19 -16.04
N LEU A 115 -3.12 -21.26 -16.77
CA LEU A 115 -1.80 -21.87 -16.80
C LEU A 115 -0.98 -21.13 -17.86
N VAL A 116 0.15 -20.61 -17.45
CA VAL A 116 1.04 -19.85 -18.32
C VAL A 116 2.40 -20.52 -18.39
N ALA A 117 2.83 -20.86 -19.60
CA ALA A 117 4.11 -21.49 -19.82
C ALA A 117 5.10 -20.41 -20.25
N ASN A 118 5.91 -19.96 -19.32
CA ASN A 118 6.89 -18.92 -19.64
C ASN A 118 8.10 -19.56 -20.33
N LYS A 119 9.00 -18.73 -20.83
CA LYS A 119 10.20 -19.20 -21.51
C LYS A 119 9.88 -20.08 -22.72
N ALA A 120 8.77 -19.79 -23.39
CA ALA A 120 8.35 -20.57 -24.55
C ALA A 120 8.54 -19.83 -25.88
N GLU A 121 9.64 -19.09 -26.01
CA GLU A 121 9.91 -18.36 -27.25
C GLU A 121 9.99 -19.30 -28.46
N ASN A 122 10.60 -20.47 -28.28
CA ASN A 122 10.70 -21.44 -29.36
C ASN A 122 9.41 -22.26 -29.34
N LEU A 123 8.36 -21.70 -29.94
CA LEU A 123 7.05 -22.33 -29.96
C LEU A 123 7.02 -23.76 -30.50
N ARG A 124 7.74 -24.02 -31.58
CA ARG A 124 7.78 -25.34 -32.18
C ARG A 124 8.34 -26.39 -31.23
N GLU A 125 9.44 -26.07 -30.58
CA GLU A 125 10.06 -26.99 -29.64
C GLU A 125 9.15 -27.19 -28.42
N PHE A 126 8.55 -26.11 -27.94
CA PHE A 126 7.65 -26.15 -26.79
C PHE A 126 6.51 -27.14 -27.01
N GLU A 127 5.78 -26.96 -28.10
CA GLU A 127 4.65 -27.82 -28.41
C GLU A 127 5.05 -29.27 -28.62
N ARG A 128 6.31 -29.49 -28.98
CA ARG A 128 6.79 -30.83 -29.23
C ARG A 128 7.29 -31.51 -27.96
N GLU A 129 8.12 -30.78 -27.21
CA GLU A 129 8.73 -31.31 -26.00
C GLU A 129 8.05 -31.08 -24.65
N VAL A 130 7.35 -29.95 -24.47
CA VAL A 130 6.76 -29.66 -23.18
C VAL A 130 5.25 -29.52 -23.05
N LYS A 131 4.62 -28.89 -24.02
CA LYS A 131 3.18 -28.68 -23.97
C LYS A 131 2.35 -29.90 -23.56
N PRO A 132 2.59 -31.06 -24.18
CA PRO A 132 1.82 -32.26 -23.85
C PRO A 132 1.75 -32.58 -22.35
N GLU A 133 2.90 -32.64 -21.70
CA GLU A 133 2.94 -32.96 -20.28
C GLU A 133 2.27 -31.90 -19.40
N LEU A 134 2.20 -30.65 -19.86
CA LEU A 134 1.57 -29.60 -19.05
C LEU A 134 0.06 -29.79 -18.88
N TYR A 135 -0.55 -30.58 -19.75
CA TYR A 135 -1.99 -30.84 -19.66
C TYR A 135 -2.32 -31.62 -18.39
N SER A 136 -1.34 -32.37 -17.89
CA SER A 136 -1.55 -33.18 -16.69
C SER A 136 -1.73 -32.37 -15.42
N LEU A 137 -1.47 -31.07 -15.48
CA LEU A 137 -1.63 -30.21 -14.31
C LEU A 137 -3.11 -29.94 -14.02
N GLY A 138 -3.97 -30.21 -14.99
CA GLY A 138 -5.41 -30.04 -14.79
C GLY A 138 -6.02 -28.68 -15.06
N PHE A 139 -5.28 -27.81 -15.75
CA PHE A 139 -5.76 -26.47 -16.04
C PHE A 139 -5.92 -26.18 -17.53
N GLY A 140 -6.08 -27.24 -18.31
CA GLY A 140 -6.26 -27.07 -19.73
C GLY A 140 -4.97 -26.73 -20.44
N GLU A 141 -5.11 -26.16 -21.63
CA GLU A 141 -3.99 -25.79 -22.48
C GLU A 141 -3.24 -24.58 -21.95
N PRO A 142 -1.91 -24.70 -21.78
CA PRO A 142 -1.11 -23.58 -21.29
C PRO A 142 -0.96 -22.49 -22.35
N ILE A 143 -0.79 -21.26 -21.91
CA ILE A 143 -0.59 -20.14 -22.81
C ILE A 143 0.91 -19.93 -22.88
N PRO A 144 1.52 -20.18 -24.05
CA PRO A 144 2.97 -20.00 -24.17
C PRO A 144 3.34 -18.53 -24.30
N VAL A 145 4.29 -18.08 -23.47
CA VAL A 145 4.71 -16.69 -23.51
C VAL A 145 6.19 -16.61 -23.17
N SER A 146 6.73 -15.41 -23.26
CA SER A 146 8.12 -15.14 -22.90
C SER A 146 8.11 -13.75 -22.29
N ALA A 147 8.29 -13.69 -20.97
CA ALA A 147 8.30 -12.41 -20.29
C ALA A 147 9.57 -11.66 -20.67
N GLU A 148 10.67 -12.39 -20.71
CA GLU A 148 11.97 -11.84 -21.05
C GLU A 148 12.02 -11.26 -22.47
N HIS A 149 11.37 -11.91 -23.43
CA HIS A 149 11.38 -11.42 -24.81
C HIS A 149 10.10 -10.69 -25.22
N ASN A 150 9.21 -10.49 -24.26
CA ASN A 150 7.93 -9.81 -24.52
C ASN A 150 7.21 -10.46 -25.69
N ILE A 151 6.90 -11.74 -25.54
CA ILE A 151 6.21 -12.50 -26.56
C ILE A 151 4.86 -13.02 -26.07
N ASN A 152 3.80 -12.66 -26.78
CA ASN A 152 2.45 -13.10 -26.48
C ASN A 152 1.90 -12.62 -25.14
N LEU A 153 2.54 -11.63 -24.53
CA LEU A 153 2.06 -11.11 -23.25
C LEU A 153 0.76 -10.36 -23.47
N ASP A 154 0.60 -9.78 -24.65
CA ASP A 154 -0.60 -9.04 -24.97
C ASP A 154 -1.80 -9.99 -25.08
N THR A 155 -1.58 -11.17 -25.66
CA THR A 155 -2.66 -12.14 -25.79
C THR A 155 -3.04 -12.64 -24.40
N LEU A 157 -2.73 -11.03 -21.52
CA LEU A 157 -3.44 -9.96 -20.85
C LEU A 157 -4.88 -9.84 -21.30
N GLU A 158 -5.09 -9.92 -22.61
CA GLU A 158 -6.44 -9.82 -23.15
C GLU A 158 -7.29 -10.93 -22.52
N THR A 159 -6.68 -12.12 -22.38
CA THR A 159 -7.37 -13.25 -21.80
C THR A 159 -7.71 -12.99 -20.32
N ILE A 160 -6.79 -12.36 -19.60
CA ILE A 160 -7.00 -12.06 -18.19
C ILE A 160 -8.16 -11.09 -18.04
N ILE A 161 -8.13 -10.02 -18.84
CA ILE A 161 -9.17 -9.01 -18.80
C ILE A 161 -10.53 -9.64 -19.09
N LYS A 162 -10.60 -10.47 -20.13
CA LYS A 162 -11.86 -11.10 -20.48
C LYS A 162 -12.41 -11.94 -19.32
N LYS A 163 -11.56 -12.76 -18.71
CA LYS A 163 -11.99 -13.61 -17.60
C LYS A 163 -12.49 -12.80 -16.41
N LEU A 164 -11.78 -11.73 -16.09
CA LEU A 164 -12.18 -10.88 -14.96
C LEU A 164 -13.53 -10.21 -15.26
N GLU A 165 -13.69 -9.73 -16.49
CA GLU A 165 -14.95 -9.08 -16.85
C GLU A 165 -16.09 -10.08 -16.87
N GLU A 166 -15.82 -11.30 -17.35
CA GLU A 166 -16.85 -12.34 -17.40
C GLU A 166 -17.37 -12.67 -16.02
N LYS A 167 -16.55 -12.42 -14.99
CA LYS A 167 -16.96 -12.70 -13.61
C LYS A 167 -17.69 -11.51 -13.02
N GLY A 168 -17.96 -10.51 -13.86
CA GLY A 168 -18.68 -9.33 -13.42
C GLY A 168 -17.87 -8.31 -12.65
N LEU A 169 -16.55 -8.43 -12.69
CA LEU A 169 -15.71 -7.49 -11.96
C LEU A 169 -15.57 -6.16 -12.70
N ASP A 170 -15.57 -5.07 -11.95
CA ASP A 170 -15.43 -3.73 -12.53
C ASP A 170 -13.95 -3.37 -12.52
N LEU A 171 -13.37 -3.24 -13.72
CA LEU A 171 -11.95 -2.91 -13.81
C LEU A 171 -11.76 -1.45 -14.21
N GLU A 172 -12.85 -0.69 -14.27
CA GLU A 172 -12.81 0.70 -14.71
C GLU A 172 -13.01 1.78 -13.65
N SER A 173 -14.10 1.68 -12.89
CA SER A 173 -14.39 2.70 -11.89
C SER A 173 -13.59 2.56 -10.62
N LYS A 174 -13.15 3.71 -10.10
CA LYS A 174 -12.39 3.75 -8.85
C LYS A 174 -13.43 3.70 -7.73
N PRO A 175 -13.15 2.93 -6.67
CA PRO A 175 -14.06 2.78 -5.52
C PRO A 175 -14.59 4.14 -5.02
N GLU A 176 -15.89 4.20 -4.75
CA GLU A 176 -16.52 5.42 -4.29
C GLU A 176 -16.56 5.54 -2.77
N ILE A 177 -16.10 6.69 -2.27
CA ILE A 177 -16.04 6.95 -0.82
C ILE A 177 -17.39 7.41 -0.29
N THR A 178 -17.77 6.89 0.86
CA THR A 178 -19.05 7.25 1.47
C THR A 178 -18.94 8.14 2.70
N ASP A 179 -17.91 7.93 3.51
CA ASP A 179 -17.73 8.73 4.72
C ASP A 179 -17.11 10.09 4.44
N ALA A 180 -17.39 11.05 5.30
CA ALA A 180 -16.81 12.38 5.16
C ALA A 180 -15.37 12.24 5.68
N ILE A 181 -14.44 12.97 5.08
CA ILE A 181 -13.06 12.93 5.51
C ILE A 181 -12.88 14.02 6.56
N LYS A 182 -12.57 13.61 7.79
CA LYS A 182 -12.39 14.55 8.88
C LYS A 182 -10.94 15.02 8.92
N VAL A 183 -10.76 16.34 8.87
CA VAL A 183 -9.43 16.94 8.84
C VAL A 183 -9.24 17.94 9.97
N ALA A 184 -8.08 17.86 10.63
CA ALA A 184 -7.76 18.81 11.70
C ALA A 184 -6.53 19.57 11.22
N ILE A 185 -6.53 20.88 11.38
CA ILE A 185 -5.37 21.68 11.00
C ILE A 185 -4.78 22.14 12.32
N VAL A 186 -3.55 21.73 12.63
CA VAL A 186 -2.94 22.09 13.89
C VAL A 186 -1.58 22.73 13.72
N GLY A 187 -1.11 23.36 14.79
CA GLY A 187 0.18 24.02 14.72
C GLY A 187 0.25 25.10 15.78
N ARG A 188 1.46 25.59 16.03
CA ARG A 188 1.63 26.64 17.03
C ARG A 188 0.96 27.93 16.58
N PRO A 189 0.73 28.86 17.51
CA PRO A 189 0.08 30.12 17.14
C PRO A 189 0.89 30.90 16.12
N ASN A 190 0.19 31.55 15.19
CA ASN A 190 0.83 32.39 14.17
C ASN A 190 1.55 31.69 13.03
N VAL A 191 1.42 30.39 12.91
CA VAL A 191 2.11 29.71 11.82
C VAL A 191 1.35 29.87 10.51
N GLY A 192 0.08 30.23 10.60
CA GLY A 192 -0.74 30.44 9.42
C GLY A 192 -1.90 29.46 9.22
N LYS A 193 -2.35 28.84 10.31
CA LYS A 193 -3.44 27.88 10.23
C LYS A 193 -4.71 28.50 9.68
N SER A 194 -5.13 29.61 10.28
CA SER A 194 -6.33 30.31 9.84
C SER A 194 -6.22 30.74 8.39
N THR A 195 -5.07 31.31 8.01
CA THR A 195 -4.87 31.77 6.65
C THR A 195 -4.93 30.61 5.63
N LEU A 196 -4.36 29.48 6.02
CA LEU A 196 -4.35 28.28 5.16
C LEU A 196 -5.77 27.73 4.99
N PHE A 197 -6.53 27.66 6.07
CA PHE A 197 -7.91 27.16 5.98
C PHE A 197 -8.74 28.05 5.04
N ASN A 198 -8.55 29.35 5.14
CA ASN A 198 -9.30 30.26 4.29
C ASN A 198 -8.79 30.23 2.85
N ALA A 199 -7.51 29.87 2.68
CA ALA A 199 -6.93 29.76 1.35
C ALA A 199 -7.62 28.60 0.63
N ILE A 200 -7.98 27.57 1.39
CA ILE A 200 -8.69 26.42 0.81
C ILE A 200 -10.07 26.88 0.37
N LEU A 201 -10.78 27.57 1.28
CA LEU A 201 -12.12 28.06 0.98
C LEU A 201 -12.18 29.07 -0.15
N ASN A 202 -11.08 29.74 -0.45
CA ASN A 202 -11.08 30.72 -1.53
C ASN A 202 -10.95 30.08 -2.90
N LYS A 203 -10.59 28.80 -2.96
CA LYS A 203 -10.45 28.12 -4.25
C LYS A 203 -11.81 27.65 -4.79
N GLU A 204 -11.94 27.62 -6.11
CA GLU A 204 -13.20 27.19 -6.72
C GLU A 204 -13.52 25.72 -6.45
N ARG A 205 -12.49 24.91 -6.19
CA ARG A 205 -12.68 23.50 -5.94
C ARG A 205 -13.27 23.20 -4.55
N ALA A 206 -13.32 24.20 -3.67
CA ALA A 206 -13.87 24.01 -2.33
C ALA A 206 -15.14 24.83 -2.10
N LEU A 207 -15.96 24.41 -1.13
CA LEU A 207 -17.22 25.08 -0.83
C LEU A 207 -17.73 24.71 0.57
N VAL A 208 -18.01 25.70 1.42
CA VAL A 208 -18.54 25.39 2.75
C VAL A 208 -19.98 24.95 2.52
N SER A 209 -20.32 23.73 2.92
CA SER A 209 -21.65 23.19 2.70
C SER A 209 -22.81 24.18 2.85
N PRO A 210 -23.66 24.27 1.81
CA PRO A 210 -24.82 25.17 1.81
C PRO A 210 -26.06 24.45 2.37
N ILE A 211 -25.88 23.18 2.72
CA ILE A 211 -26.96 22.34 3.25
C ILE A 211 -27.24 22.66 4.72
N PRO A 212 -28.49 23.04 5.04
CA PRO A 212 -28.88 23.37 6.42
C PRO A 212 -28.84 22.16 7.36
N VAL A 219 -18.65 22.70 16.54
CA VAL A 219 -17.47 23.54 16.39
C VAL A 219 -16.84 23.22 15.03
N ASP A 220 -17.44 22.29 14.27
CA ASP A 220 -16.89 21.88 12.98
C ASP A 220 -17.53 22.53 11.76
N ASP A 221 -16.88 22.37 10.61
CA ASP A 221 -17.38 22.92 9.36
C ASP A 221 -17.42 21.82 8.33
N GLU A 222 -18.55 21.67 7.65
CA GLU A 222 -18.64 20.68 6.60
C GLU A 222 -18.21 21.42 5.34
N VAL A 223 -17.24 20.86 4.63
CA VAL A 223 -16.73 21.48 3.43
C VAL A 223 -16.68 20.48 2.28
N PHE A 224 -17.08 20.94 1.10
CA PHE A 224 -17.04 20.10 -0.08
C PHE A 224 -15.86 20.56 -0.90
N ILE A 225 -15.09 19.60 -1.39
CA ILE A 225 -13.93 19.90 -2.22
C ILE A 225 -13.89 18.86 -3.34
N ASP A 226 -13.89 19.31 -4.59
CA ASP A 226 -13.84 18.38 -5.71
C ASP A 226 -15.01 17.39 -5.67
N GLY A 227 -16.15 17.81 -5.15
CA GLY A 227 -17.28 16.89 -5.12
C GLY A 227 -17.23 15.86 -4.00
N ARG A 228 -16.26 15.99 -3.10
CA ARG A 228 -16.15 15.08 -1.96
C ARG A 228 -16.42 15.85 -0.68
N LYS A 229 -16.93 15.13 0.30
CA LYS A 229 -17.30 15.70 1.58
C LYS A 229 -16.21 15.61 2.65
N TYR A 230 -15.94 16.75 3.30
CA TYR A 230 -14.95 16.83 4.36
C TYR A 230 -15.57 17.50 5.58
N VAL A 231 -14.99 17.24 6.74
CA VAL A 231 -15.43 17.88 7.96
C VAL A 231 -14.14 18.42 8.57
N PHE A 232 -13.99 19.74 8.61
CA PHE A 232 -12.81 20.30 9.22
C PHE A 232 -13.18 20.51 10.69
N VAL A 233 -12.48 19.79 11.56
CA VAL A 233 -12.79 19.85 12.98
C VAL A 233 -12.29 21.08 13.70
N ASP A 234 -13.09 21.47 14.70
CA ASP A 234 -12.81 22.63 15.54
C ASP A 234 -12.30 23.80 14.70
N THR A 235 -13.15 24.30 13.81
CA THR A 235 -12.81 25.41 12.93
C THR A 235 -12.99 26.79 13.56
N ALA A 236 -13.54 26.83 14.77
CA ALA A 236 -13.86 28.09 15.42
C ALA A 236 -12.58 28.93 15.44
N GLY A 237 -11.48 28.30 15.83
CA GLY A 237 -10.21 29.00 15.88
C GLY A 237 -9.69 29.43 14.51
N LEU A 238 -10.01 28.65 13.49
CA LEU A 238 -9.56 28.95 12.13
C LEU A 238 -10.48 29.96 11.46
N GLU A 250 -3.33 33.27 26.90
CA GLU A 250 -2.19 32.36 26.83
C GLU A 250 -2.65 30.92 26.70
N LYS A 251 -1.75 30.08 26.17
CA LYS A 251 -2.03 28.67 25.96
C LYS A 251 -1.45 27.80 27.07
N TYR A 252 -2.30 27.01 27.72
CA TYR A 252 -1.84 26.12 28.79
C TYR A 252 -2.32 24.69 28.56
N SER A 253 -3.62 24.52 28.31
CA SER A 253 -4.19 23.18 28.13
C SER A 253 -4.09 22.57 26.73
N ASN A 254 -4.30 23.39 25.70
CA ASN A 254 -4.26 22.90 24.33
C ASN A 254 -5.27 21.78 24.13
N TYR A 255 -6.31 21.75 24.96
CA TYR A 255 -7.33 20.71 24.89
C TYR A 255 -7.88 20.56 23.47
N ARG A 256 -8.01 21.67 22.76
CA ARG A 256 -8.54 21.65 21.40
C ARG A 256 -7.62 20.85 20.46
N VAL A 257 -6.32 21.04 20.60
CA VAL A 257 -5.37 20.33 19.77
C VAL A 257 -5.52 18.82 19.93
N VAL A 258 -5.55 18.35 21.18
CA VAL A 258 -5.69 16.92 21.44
C VAL A 258 -7.04 16.39 21.00
N ASP A 259 -8.09 17.17 21.24
CA ASP A 259 -9.44 16.79 20.86
C ASP A 259 -9.54 16.71 19.34
N SER A 260 -8.97 17.71 18.67
CA SER A 260 -8.98 17.78 17.21
C SER A 260 -8.28 16.59 16.58
N ILE A 261 -7.13 16.24 17.12
CA ILE A 261 -6.38 15.10 16.61
C ILE A 261 -7.18 13.82 16.79
N GLU A 262 -7.85 13.68 17.94
CA GLU A 262 -8.63 12.47 18.20
C GLU A 262 -9.83 12.33 17.26
N LYS A 263 -10.48 13.44 16.96
CA LYS A 263 -11.64 13.43 16.09
C LYS A 263 -11.33 13.25 14.62
N ALA A 264 -10.15 13.68 14.20
CA ALA A 264 -9.78 13.61 12.79
C ALA A 264 -9.36 12.27 12.22
N ASP A 265 -9.35 12.21 10.89
CA ASP A 265 -8.85 11.04 10.17
C ASP A 265 -7.47 11.50 9.72
N VAL A 266 -7.42 12.71 9.15
CA VAL A 266 -6.19 13.31 8.66
C VAL A 266 -5.84 14.58 9.41
N VAL A 267 -4.60 14.67 9.87
CA VAL A 267 -4.14 15.84 10.60
C VAL A 267 -3.07 16.57 9.81
N VAL A 268 -3.31 17.85 9.56
CA VAL A 268 -2.35 18.67 8.84
C VAL A 268 -1.63 19.51 9.89
N ILE A 269 -0.33 19.24 10.08
CA ILE A 269 0.43 20.03 11.03
C ILE A 269 1.17 21.11 10.23
N VAL A 270 0.94 22.35 10.64
CA VAL A 270 1.50 23.50 9.95
C VAL A 270 2.69 24.05 10.71
N LEU A 271 3.81 24.19 9.99
CA LEU A 271 5.05 24.70 10.56
C LEU A 271 5.33 26.04 9.91
N ASP A 272 6.07 26.88 10.62
CA ASP A 272 6.46 28.18 10.10
C ASP A 272 7.87 27.96 9.54
N ALA A 273 8.02 27.97 8.23
CA ALA A 273 9.32 27.73 7.60
C ALA A 273 10.40 28.70 8.09
N THR A 274 10.00 29.89 8.54
CA THR A 274 10.99 30.86 9.01
C THR A 274 11.48 30.52 10.40
N GLN A 275 10.75 29.65 11.08
CA GLN A 275 11.11 29.25 12.43
C GLN A 275 11.69 27.84 12.55
N GLY A 276 11.46 27.01 11.54
CA GLY A 276 11.95 25.65 11.57
C GLY A 276 10.97 24.73 12.28
N ILE A 277 11.49 23.76 13.04
CA ILE A 277 10.62 22.83 13.74
C ILE A 277 10.96 22.86 15.24
N THR A 278 9.99 23.25 16.06
CA THR A 278 10.22 23.36 17.49
C THR A 278 9.92 22.09 18.26
N ARG A 279 10.29 22.09 19.53
CA ARG A 279 10.04 20.93 20.38
C ARG A 279 8.54 20.69 20.49
N GLN A 280 7.76 21.76 20.55
CA GLN A 280 6.31 21.60 20.65
C GLN A 280 5.75 20.94 19.39
N ASP A 281 6.35 21.25 18.24
CA ASP A 281 5.90 20.65 16.99
C ASP A 281 6.15 19.14 17.05
N GLN A 282 7.30 18.77 17.62
CA GLN A 282 7.66 17.36 17.75
C GLN A 282 6.68 16.64 18.66
N ARG A 283 6.24 17.31 19.73
CA ARG A 283 5.29 16.68 20.64
C ARG A 283 3.94 16.46 19.96
N ALA A 285 3.51 16.02 16.79
CA ALA A 285 3.72 14.94 15.83
C ALA A 285 3.70 13.58 16.54
N GLY A 286 4.31 13.52 17.72
CA GLY A 286 4.32 12.28 18.46
C GLY A 286 2.91 11.86 18.85
N LEU A 287 2.09 12.86 19.19
CA LEU A 287 0.71 12.61 19.57
C LEU A 287 -0.06 12.08 18.36
N GLU A 289 1.10 10.47 15.73
CA GLU A 289 1.51 9.11 15.47
C GLU A 289 0.94 8.11 16.48
N ARG A 290 0.96 8.46 17.77
CA ARG A 290 0.45 7.53 18.78
C ARG A 290 -1.06 7.33 18.65
N ARG A 291 -1.78 8.36 18.25
CA ARG A 291 -3.21 8.23 18.08
C ARG A 291 -3.53 7.54 16.76
N GLY A 292 -2.51 7.31 15.94
CA GLY A 292 -2.70 6.65 14.67
C GLY A 292 -3.49 7.43 13.64
N ARG A 293 -3.18 8.70 13.47
CA ARG A 293 -3.88 9.52 12.49
C ARG A 293 -3.04 9.69 11.25
N ALA A 294 -3.70 9.84 10.09
CA ALA A 294 -3.01 10.09 8.83
C ALA A 294 -2.53 11.53 8.93
N SER A 295 -1.51 11.89 8.16
CA SER A 295 -1.01 13.25 8.29
C SER A 295 -0.31 13.85 7.09
N VAL A 296 -0.29 15.17 7.06
CA VAL A 296 0.38 15.93 6.03
C VAL A 296 1.17 16.98 6.80
N VAL A 297 2.42 17.22 6.41
CA VAL A 297 3.24 18.23 7.07
C VAL A 297 3.42 19.40 6.10
N VAL A 298 3.18 20.60 6.60
CA VAL A 298 3.24 21.80 5.80
C VAL A 298 4.25 22.83 6.30
N PHE A 299 5.18 23.24 5.45
CA PHE A 299 6.13 24.29 5.80
C PHE A 299 5.48 25.52 5.15
N ASN A 300 4.80 26.32 5.96
CA ASN A 300 4.11 27.51 5.49
C ASN A 300 5.03 28.75 5.57
N LYS A 301 4.59 29.86 4.98
CA LYS A 301 5.36 31.10 4.93
C LYS A 301 6.63 30.91 4.11
N TRP A 302 6.55 29.97 3.17
CA TRP A 302 7.67 29.65 2.29
C TRP A 302 8.11 30.89 1.51
N ASP A 303 7.20 31.83 1.32
CA ASP A 303 7.50 33.07 0.61
C ASP A 303 8.47 33.96 1.38
N LEU A 304 8.58 33.76 2.69
CA LEU A 304 9.47 34.56 3.52
C LEU A 304 10.88 33.96 3.66
N VAL A 305 11.08 32.75 3.15
CA VAL A 305 12.38 32.08 3.24
C VAL A 305 13.33 32.61 2.17
N VAL A 306 14.53 33.00 2.58
CA VAL A 306 15.52 33.53 1.63
C VAL A 306 16.20 32.44 0.81
N HIS A 307 16.39 32.70 -0.48
CA HIS A 307 17.01 31.74 -1.38
C HIS A 307 16.25 30.43 -1.28
N ARG A 308 14.94 30.55 -1.03
CA ARG A 308 14.08 29.38 -0.86
C ARG A 308 14.18 28.28 -1.91
N GLU A 309 14.30 28.64 -3.18
CA GLU A 309 14.35 27.63 -4.23
C GLU A 309 15.58 26.71 -4.19
N LYS A 310 16.61 27.11 -3.45
CA LYS A 310 17.82 26.28 -3.37
C LYS A 310 17.86 25.55 -2.03
N ARG A 311 16.76 25.60 -1.28
CA ARG A 311 16.76 24.99 0.04
C ARG A 311 15.76 23.86 0.31
N TYR A 312 15.21 23.25 -0.73
CA TYR A 312 14.25 22.16 -0.51
C TYR A 312 14.89 20.97 0.19
N ASP A 313 16.13 20.63 -0.18
CA ASP A 313 16.79 19.50 0.48
C ASP A 313 17.05 19.80 1.96
N GLU A 314 17.46 21.03 2.26
CA GLU A 314 17.73 21.45 3.63
C GLU A 314 16.48 21.24 4.50
N PHE A 315 15.35 21.80 4.06
CA PHE A 315 14.13 21.67 4.83
C PHE A 315 13.61 20.25 4.89
N THR A 316 13.79 19.50 3.82
CA THR A 316 13.34 18.12 3.78
C THR A 316 14.14 17.32 4.80
N LYS A 317 15.43 17.61 4.92
CA LYS A 317 16.28 16.90 5.89
C LYS A 317 15.86 17.28 7.31
N LEU A 318 15.50 18.55 7.51
CA LEU A 318 15.06 19.00 8.81
C LEU A 318 13.78 18.24 9.20
N PHE A 319 12.87 18.12 8.24
CA PHE A 319 11.62 17.39 8.44
C PHE A 319 11.96 15.93 8.80
N ARG A 320 12.85 15.31 8.04
CA ARG A 320 13.20 13.92 8.33
C ARG A 320 13.90 13.69 9.68
N GLU A 321 14.74 14.64 10.10
CA GLU A 321 15.44 14.49 11.36
C GLU A 321 14.62 14.86 12.59
N LYS A 322 13.80 15.90 12.48
CA LYS A 322 12.99 16.35 13.60
C LYS A 322 11.63 15.69 13.72
N LEU A 323 11.07 15.27 12.59
CA LEU A 323 9.76 14.65 12.59
C LEU A 323 9.74 13.24 12.04
N TYR A 324 10.80 12.49 12.30
CA TYR A 324 10.86 11.12 11.82
C TYR A 324 9.65 10.34 12.31
N PHE A 325 9.07 10.77 13.42
CA PHE A 325 7.88 10.11 14.00
C PHE A 325 6.81 9.96 12.93
N ILE A 326 6.67 10.97 12.10
CA ILE A 326 5.66 10.99 11.04
C ILE A 326 6.26 11.22 9.66
N ASP A 327 7.43 10.63 9.42
CA ASP A 327 8.09 10.84 8.13
C ASP A 327 7.38 10.23 6.93
N TYR A 328 6.28 9.52 7.17
CA TYR A 328 5.49 8.94 6.08
C TYR A 328 4.59 10.03 5.49
N SER A 329 4.54 11.17 6.16
CA SER A 329 3.71 12.28 5.71
C SER A 329 4.23 13.05 4.49
N PRO A 330 3.33 13.43 3.58
CA PRO A 330 3.75 14.21 2.41
C PRO A 330 4.24 15.54 3.03
N LEU A 331 5.27 16.13 2.45
CA LEU A 331 5.80 17.40 2.95
C LEU A 331 5.48 18.43 1.87
N ILE A 332 4.65 19.41 2.21
CA ILE A 332 4.24 20.43 1.25
C ILE A 332 4.81 21.79 1.63
N PHE A 333 5.34 22.53 0.66
CA PHE A 333 5.88 23.86 0.93
C PHE A 333 4.80 24.84 0.46
N THR A 334 4.24 25.61 1.37
CA THR A 334 3.16 26.53 1.03
C THR A 334 3.36 27.98 1.43
N SER A 335 2.50 28.82 0.85
CA SER A 335 2.42 30.22 1.17
C SER A 335 0.92 30.46 1.23
N ALA A 336 0.37 30.43 2.43
CA ALA A 336 -1.06 30.66 2.60
C ALA A 336 -1.38 32.08 2.15
N ASP A 337 -0.42 32.98 2.34
CA ASP A 337 -0.59 34.38 1.97
C ASP A 337 -0.66 34.56 0.47
N LYS A 338 0.34 34.03 -0.25
CA LYS A 338 0.43 34.14 -1.69
C LYS A 338 -0.41 33.10 -2.44
N GLY A 339 -0.91 32.11 -1.71
CA GLY A 339 -1.71 31.07 -2.34
C GLY A 339 -0.81 30.12 -3.11
N TRP A 340 0.28 29.71 -2.48
CA TRP A 340 1.21 28.80 -3.12
C TRP A 340 0.97 27.39 -2.59
N ASN A 341 0.81 26.45 -3.52
CA ASN A 341 0.62 25.04 -3.19
C ASN A 341 -0.55 24.65 -2.30
N ILE A 342 -1.62 25.44 -2.34
CA ILE A 342 -2.79 25.08 -1.57
C ILE A 342 -3.33 23.81 -2.24
N ASP A 343 -3.25 23.74 -3.56
CA ASP A 343 -3.71 22.56 -4.28
C ASP A 343 -2.94 21.31 -3.90
N ARG A 344 -1.61 21.41 -3.80
CA ARG A 344 -0.81 20.26 -3.41
C ARG A 344 -1.17 19.80 -1.99
N ILE A 346 -4.12 20.07 -0.53
CA ILE A 346 -5.41 19.38 -0.63
C ILE A 346 -5.20 17.98 -1.19
N ASP A 347 -4.45 17.85 -2.29
CA ASP A 347 -4.21 16.53 -2.87
C ASP A 347 -3.50 15.63 -1.85
N ALA A 348 -2.61 16.20 -1.05
CA ALA A 348 -1.89 15.42 -0.05
C ALA A 348 -2.83 14.90 1.03
N ASN A 350 -5.91 14.14 0.51
CA ASN A 350 -6.63 13.06 -0.15
C ASN A 350 -5.81 11.79 -0.21
N LEU A 351 -4.51 11.94 -0.52
CA LEU A 351 -3.60 10.79 -0.58
C LEU A 351 -3.45 10.15 0.80
N ALA A 352 -3.29 10.97 1.85
CA ALA A 352 -3.14 10.44 3.21
C ALA A 352 -4.39 9.64 3.60
N TYR A 353 -5.56 10.20 3.32
CA TYR A 353 -6.80 9.50 3.66
C TYR A 353 -6.93 8.18 2.88
N ALA A 354 -6.54 8.20 1.61
CA ALA A 354 -6.62 7.02 0.77
C ALA A 354 -5.73 5.91 1.34
N SER A 355 -4.52 6.27 1.78
CA SER A 355 -3.62 5.29 2.38
C SER A 355 -4.19 4.78 3.70
N TYR A 356 -4.74 5.71 4.47
CA TYR A 356 -5.33 5.46 5.78
C TYR A 356 -6.44 4.40 5.70
N THR A 357 -7.09 4.32 4.53
CA THR A 357 -8.18 3.38 4.33
C THR A 357 -7.87 2.25 3.35
N THR A 358 -6.60 2.06 3.04
CA THR A 358 -6.20 1.03 2.11
C THR A 358 -6.00 -0.34 2.75
N LYS A 359 -6.51 -1.38 2.10
CA LYS A 359 -6.36 -2.77 2.55
C LYS A 359 -5.51 -3.49 1.51
N VAL A 360 -4.55 -4.29 1.95
CA VAL A 360 -3.71 -5.02 1.01
C VAL A 360 -3.90 -6.51 1.25
N PRO A 361 -3.73 -7.33 0.19
CA PRO A 361 -3.88 -8.80 0.22
C PRO A 361 -2.89 -9.47 1.18
N SER A 362 -3.33 -10.49 1.90
CA SER A 362 -2.41 -11.16 2.81
C SER A 362 -1.32 -11.89 2.00
N SER A 363 -1.62 -12.28 0.77
CA SER A 363 -0.62 -12.96 -0.04
C SER A 363 0.55 -12.04 -0.32
N ALA A 364 0.28 -10.75 -0.47
CA ALA A 364 1.32 -9.77 -0.74
C ALA A 364 2.18 -9.54 0.52
N ILE A 365 1.53 -9.43 1.67
CA ILE A 365 2.24 -9.21 2.92
C ILE A 365 3.23 -10.35 3.16
N ASN A 366 2.76 -11.58 2.95
CA ASN A 366 3.62 -12.72 3.20
C ASN A 366 4.66 -12.96 2.14
N SER A 367 4.36 -12.56 0.91
CA SER A 367 5.32 -12.71 -0.16
C SER A 367 6.49 -11.76 0.13
N ALA A 368 6.16 -10.56 0.59
CA ALA A 368 7.19 -9.56 0.90
C ALA A 368 7.98 -9.98 2.12
N LEU A 369 7.29 -10.48 3.13
CA LEU A 369 7.93 -10.90 4.37
C LEU A 369 8.94 -12.00 4.11
N GLN A 370 8.56 -12.97 3.28
CA GLN A 370 9.44 -14.08 2.97
C GLN A 370 10.57 -13.66 2.05
N LYS A 371 10.32 -12.70 1.18
CA LYS A 371 11.37 -12.24 0.29
C LYS A 371 12.48 -11.54 1.09
N VAL A 372 12.08 -10.68 2.02
CA VAL A 372 13.05 -9.96 2.82
C VAL A 372 13.75 -10.85 3.85
N LEU A 373 12.99 -11.70 4.52
CA LEU A 373 13.56 -12.60 5.52
C LEU A 373 14.59 -13.53 4.89
N ALA A 374 14.47 -13.76 3.59
CA ALA A 374 15.40 -14.63 2.89
C ALA A 374 16.82 -14.12 3.04
N PHE A 375 16.98 -12.80 3.09
CA PHE A 375 18.30 -12.19 3.23
C PHE A 375 18.41 -11.34 4.49
N THR A 376 17.58 -11.66 5.48
CA THR A 376 17.58 -10.93 6.74
C THR A 376 17.65 -11.94 7.88
N ASN A 377 18.52 -11.70 8.86
CA ASN A 377 18.62 -12.61 9.99
C ASN A 377 18.07 -11.92 11.22
N LEU A 378 16.97 -12.46 11.76
CA LEU A 378 16.35 -11.89 12.95
C LEU A 378 17.18 -12.19 14.19
N PRO A 379 17.24 -11.24 15.13
CA PRO A 379 18.01 -11.41 16.38
C PRO A 379 17.38 -12.44 17.32
N ARG A 380 18.06 -12.71 18.42
CA ARG A 380 17.57 -13.66 19.41
C ARG A 380 17.06 -14.90 18.67
N GLY A 381 16.02 -15.54 19.16
CA GLY A 381 15.51 -16.71 18.47
C GLY A 381 14.17 -16.39 17.82
N LEU A 382 13.99 -15.13 17.45
CA LEU A 382 12.74 -14.68 16.86
C LEU A 382 12.37 -15.27 15.50
N LYS A 383 11.11 -15.66 15.37
CA LYS A 383 10.62 -16.18 14.11
C LYS A 383 9.30 -15.49 13.83
N ILE A 384 9.12 -15.03 12.60
CA ILE A 384 7.90 -14.35 12.19
C ILE A 384 7.29 -15.23 11.11
N PHE A 385 6.25 -15.96 11.48
CA PHE A 385 5.59 -16.90 10.59
C PHE A 385 4.83 -16.29 9.43
N PHE A 386 3.87 -15.42 9.75
CA PHE A 386 3.08 -14.77 8.71
C PHE A 386 2.29 -13.61 9.31
N GLY A 387 1.73 -12.78 8.42
CA GLY A 387 0.96 -11.65 8.89
C GLY A 387 -0.23 -11.38 8.00
N VAL A 388 -1.13 -10.54 8.49
CA VAL A 388 -2.32 -10.19 7.72
C VAL A 388 -2.80 -8.81 8.17
N GLN A 389 -3.51 -8.09 7.30
CA GLN A 389 -4.03 -6.79 7.69
C GLN A 389 -5.33 -7.04 8.44
N VAL A 390 -5.52 -6.41 9.60
CA VAL A 390 -6.72 -6.63 10.37
C VAL A 390 -7.59 -5.41 10.60
N ASP A 391 -7.15 -4.25 10.12
CA ASP A 391 -7.96 -3.06 10.28
C ASP A 391 -7.40 -1.92 9.44
N ILE A 392 -8.18 -0.86 9.32
CA ILE A 392 -7.78 0.35 8.60
C ILE A 392 -8.04 1.48 9.57
N LYS A 393 -7.63 2.70 9.21
CA LYS A 393 -7.85 3.85 10.08
C LYS A 393 -7.32 3.68 11.51
N PRO A 394 -6.03 3.38 11.67
CA PRO A 394 -5.02 3.22 10.62
C PRO A 394 -4.82 1.78 10.16
N PRO A 395 -4.13 1.60 9.04
CA PRO A 395 -3.86 0.26 8.52
C PRO A 395 -3.15 -0.44 9.69
N THR A 396 -3.64 -1.62 10.05
CA THR A 396 -3.11 -2.37 11.17
C THR A 396 -2.85 -3.80 10.74
N PHE A 397 -1.67 -4.31 11.08
CA PHE A 397 -1.29 -5.66 10.71
C PHE A 397 -0.97 -6.52 11.92
N LEU A 398 -1.43 -7.76 11.85
CA LEU A 398 -1.20 -8.73 12.92
C LEU A 398 -0.16 -9.73 12.43
N PHE A 399 0.90 -9.90 13.19
CA PHE A 399 1.93 -10.86 12.80
C PHE A 399 2.01 -11.96 13.85
N PHE A 400 2.07 -13.21 13.37
CA PHE A 400 2.17 -14.37 14.23
C PHE A 400 3.66 -14.68 14.40
N VAL A 401 4.11 -14.70 15.65
CA VAL A 401 5.51 -14.93 15.94
C VAL A 401 5.71 -15.99 17.02
N ASN A 402 6.91 -16.52 17.13
CA ASN A 402 7.21 -17.55 18.13
C ASN A 402 7.34 -16.94 19.52
N SER A 403 7.70 -15.67 19.58
CA SER A 403 7.84 -14.99 20.88
C SER A 403 7.53 -13.51 20.75
N ILE A 404 6.63 -13.02 21.60
CA ILE A 404 6.28 -11.62 21.57
C ILE A 404 7.34 -10.77 22.25
N GLU A 405 7.99 -11.32 23.27
CA GLU A 405 9.04 -10.61 24.00
C GLU A 405 10.28 -10.38 23.15
N LYS A 406 10.48 -11.23 22.14
CA LYS A 406 11.64 -11.10 21.26
C LYS A 406 11.44 -10.04 20.18
N VAL A 407 10.23 -9.50 20.09
CA VAL A 407 9.96 -8.46 19.10
C VAL A 407 10.23 -7.11 19.74
N LYS A 408 11.33 -6.50 19.36
CA LYS A 408 11.72 -5.20 19.91
C LYS A 408 11.50 -4.11 18.87
N ASN A 409 11.76 -2.85 19.25
CA ASN A 409 11.53 -1.75 18.33
C ASN A 409 12.12 -1.90 16.93
N PRO A 410 13.38 -2.35 16.83
CA PRO A 410 13.99 -2.51 15.51
C PRO A 410 13.20 -3.44 14.58
N GLN A 411 12.63 -4.50 15.14
CA GLN A 411 11.85 -5.43 14.33
C GLN A 411 10.52 -4.79 13.89
N LYS A 412 9.97 -3.93 14.72
CA LYS A 412 8.71 -3.26 14.37
C LYS A 412 8.97 -2.25 13.25
N ILE A 413 10.09 -1.54 13.35
CA ILE A 413 10.46 -0.56 12.33
C ILE A 413 10.69 -1.31 11.01
N PHE A 414 11.33 -2.46 11.13
CA PHE A 414 11.64 -3.34 10.02
C PHE A 414 10.37 -3.84 9.31
N LEU A 415 9.36 -4.25 10.08
CA LEU A 415 8.11 -4.73 9.49
C LEU A 415 7.33 -3.61 8.78
N ARG A 416 7.28 -2.43 9.39
CA ARG A 416 6.58 -1.33 8.76
C ARG A 416 7.26 -0.95 7.45
N LYS A 417 8.59 -0.96 7.47
CA LYS A 417 9.35 -0.59 6.30
C LYS A 417 9.21 -1.59 5.15
N LEU A 418 9.22 -2.89 5.45
CA LEU A 418 9.07 -3.86 4.37
C LEU A 418 7.69 -3.75 3.75
N ILE A 419 6.69 -3.39 4.55
CA ILE A 419 5.35 -3.23 3.99
C ILE A 419 5.36 -2.04 3.02
N ARG A 420 5.94 -0.92 3.45
CA ARG A 420 5.99 0.26 2.59
C ARG A 420 6.83 0.03 1.33
N ASP A 421 7.96 -0.64 1.49
CA ASP A 421 8.87 -0.90 0.38
C ASP A 421 8.42 -1.94 -0.63
N TYR A 422 7.71 -2.97 -0.16
CA TYR A 422 7.33 -4.05 -1.07
C TYR A 422 5.85 -4.27 -1.35
N VAL A 423 4.99 -3.75 -0.49
CA VAL A 423 3.58 -3.97 -0.68
C VAL A 423 2.84 -2.73 -1.16
N PHE A 424 2.84 -1.68 -0.34
CA PHE A 424 2.15 -0.43 -0.67
C PHE A 424 2.82 0.65 0.19
N PRO A 425 3.14 1.81 -0.39
CA PRO A 425 3.80 2.85 0.42
C PRO A 425 3.05 3.38 1.63
N PHE A 426 1.72 3.37 1.58
CA PHE A 426 0.88 3.93 2.63
C PHE A 426 1.32 5.37 2.93
N GLU A 427 1.62 6.13 1.88
CA GLU A 427 2.06 7.52 2.07
C GLU A 427 0.99 8.32 2.81
N GLY A 428 1.41 9.05 3.84
CA GLY A 428 0.48 9.84 4.60
C GLY A 428 -0.13 9.09 5.78
N SER A 429 0.15 7.79 5.91
CA SER A 429 -0.44 7.02 6.99
C SER A 429 0.50 6.21 7.87
N PRO A 430 0.24 6.20 9.18
CA PRO A 430 1.09 5.40 10.06
C PRO A 430 0.64 3.95 9.83
N ILE A 431 1.44 3.01 10.30
CA ILE A 431 1.10 1.60 10.17
C ILE A 431 1.21 1.01 11.58
N PHE A 432 0.11 0.48 12.10
CA PHE A 432 0.14 -0.11 13.44
C PHE A 432 0.39 -1.60 13.34
N LEU A 433 1.10 -2.13 14.33
CA LEU A 433 1.42 -3.55 14.37
C LEU A 433 0.91 -4.21 15.66
N LYS A 434 0.43 -5.45 15.52
CA LYS A 434 -0.06 -6.23 16.64
C LYS A 434 0.62 -7.57 16.50
N PHE A 435 0.81 -8.27 17.60
CA PHE A 435 1.47 -9.56 17.54
C PHE A 435 0.73 -10.64 18.31
N LYS A 436 0.86 -11.86 17.82
CA LYS A 436 0.22 -13.01 18.46
C LYS A 436 1.22 -14.13 18.51
N ARG A 437 1.37 -14.69 19.71
CA ARG A 437 2.28 -15.81 19.94
C ARG A 437 1.69 -17.08 19.30
N SER A 438 2.51 -17.87 18.63
CA SER A 438 2.05 -19.12 18.03
C SER A 438 3.22 -20.09 17.92
N ARG A 439 2.93 -21.37 17.71
CA ARG A 439 4.00 -22.37 17.60
C ARG A 439 3.97 -22.99 16.20
#